data_7MZP
#
_entry.id   7MZP
#
_cell.length_a   39.040
_cell.length_b   58.120
_cell.length_c   175.420
_cell.angle_alpha   90.000
_cell.angle_beta   90.000
_cell.angle_gamma   90.000
#
_symmetry.space_group_name_H-M   'P 21 21 21'
#
loop_
_entity.id
_entity.type
_entity.pdbx_description
1 polymer 'F17-like fimbril adhesin subunit UclD'
2 non-polymer 'IODIDE ION'
3 water water
#
_entity_poly.entity_id   1
_entity_poly.type   'polypeptide(L)'
_entity_poly.pdbx_seq_one_letter_code
;MGPDDYVPSQIAVNTSTLPGVVIGPADAHTYPRVIGELAGTSNQYVFNGGAIALMRGKFTPALPKIGSITYTFHQGNSRD
SSDFDIYDIGVSGLGIIIGMAGYWPATPLVPINSSGIYIDPVGANTNPNTYNGATASFGARLFVAFVATGRLPNGYITIP
TRQLGTILLEAKRTSLNNKGLTAPVMLNGGRIQVQSQTCTMGLEHHHHHH
;
_entity_poly.pdbx_strand_id   A,B
#
loop_
_chem_comp.id
_chem_comp.type
_chem_comp.name
_chem_comp.formula
IOD non-polymer 'IODIDE ION' 'I -1'
#
# COMPACT_ATOMS: atom_id res chain seq x y z
N GLY A 2 -4.73 -16.87 -34.90
CA GLY A 2 -6.07 -16.74 -34.34
C GLY A 2 -6.35 -15.33 -33.86
N PRO A 3 -7.64 -14.98 -33.73
CA PRO A 3 -7.97 -13.61 -33.29
C PRO A 3 -7.57 -13.32 -31.87
N ASP A 4 -7.52 -14.34 -31.00
CA ASP A 4 -7.14 -14.15 -29.61
C ASP A 4 -5.72 -14.62 -29.31
N ASP A 5 -4.91 -14.83 -30.35
CA ASP A 5 -3.54 -15.32 -30.17
C ASP A 5 -2.58 -14.17 -29.88
N TYR A 6 -2.92 -13.42 -28.83
CA TYR A 6 -2.00 -12.42 -28.31
C TYR A 6 -0.90 -13.12 -27.53
N VAL A 7 0.34 -12.67 -27.73
CA VAL A 7 1.50 -13.27 -27.06
C VAL A 7 2.23 -12.17 -26.32
N PRO A 8 2.69 -12.41 -25.08
CA PRO A 8 3.28 -11.33 -24.29
C PRO A 8 4.76 -11.12 -24.55
N SER A 9 5.20 -9.90 -24.23
CA SER A 9 6.61 -9.54 -24.17
C SER A 9 6.81 -8.59 -23.01
N GLN A 10 7.96 -8.70 -22.36
CA GLN A 10 8.18 -8.01 -21.09
C GLN A 10 8.42 -6.53 -21.30
N ILE A 11 8.38 -5.79 -20.19
CA ILE A 11 8.83 -4.40 -20.12
C ILE A 11 9.80 -4.31 -18.94
N ALA A 12 10.94 -3.68 -19.16
CA ALA A 12 12.02 -3.69 -18.19
C ALA A 12 12.69 -2.33 -18.11
N VAL A 13 13.26 -2.04 -16.94
CA VAL A 13 14.12 -0.88 -16.74
C VAL A 13 15.51 -1.41 -16.38
N ASN A 14 16.53 -0.59 -16.65
CA ASN A 14 17.92 -0.98 -16.51
C ASN A 14 18.56 -0.24 -15.35
N THR A 15 19.08 -0.98 -14.38
CA THR A 15 19.77 -0.37 -13.24
C THR A 15 20.89 0.56 -13.70
N SER A 16 21.59 0.18 -14.78
CA SER A 16 22.74 0.94 -15.23
C SER A 16 22.43 2.40 -15.50
N THR A 17 21.15 2.74 -15.72
CA THR A 17 20.79 4.12 -16.02
C THR A 17 20.75 5.02 -14.80
N LEU A 18 20.86 4.46 -13.60
CA LEU A 18 20.83 5.30 -12.39
C LEU A 18 22.07 6.18 -12.35
N PRO A 19 21.93 7.50 -12.24
CA PRO A 19 23.11 8.35 -12.02
C PRO A 19 23.86 7.93 -10.78
N GLY A 20 25.06 8.48 -10.63
CA GLY A 20 25.87 8.21 -9.46
C GLY A 20 25.27 8.87 -8.24
N VAL A 21 24.94 8.08 -7.21
CA VAL A 21 24.45 8.63 -5.96
C VAL A 21 25.59 9.35 -5.27
N VAL A 22 25.35 10.60 -4.88
CA VAL A 22 26.39 11.44 -4.27
C VAL A 22 26.10 11.75 -2.81
N ILE A 23 24.93 11.38 -2.29
CA ILE A 23 24.58 11.70 -0.92
C ILE A 23 24.93 10.54 -0.01
N TYR A 31 15.67 10.01 5.88
CA TYR A 31 15.40 8.69 5.32
C TYR A 31 14.00 8.22 5.71
N PRO A 32 13.31 7.51 4.80
CA PRO A 32 13.76 7.11 3.45
C PRO A 32 13.70 8.27 2.46
N ARG A 33 14.54 8.21 1.43
CA ARG A 33 14.62 9.26 0.43
C ARG A 33 14.90 8.66 -0.93
N VAL A 34 14.45 9.34 -1.98
CA VAL A 34 14.73 8.93 -3.34
C VAL A 34 16.12 9.43 -3.73
N ILE A 35 16.95 8.51 -4.22
CA ILE A 35 18.33 8.83 -4.58
C ILE A 35 18.54 8.94 -6.08
N GLY A 36 17.56 8.58 -6.89
CA GLY A 36 17.71 8.69 -8.34
C GLY A 36 16.63 7.95 -9.10
N GLU A 37 16.41 8.36 -10.35
CA GLU A 37 15.44 7.72 -11.23
C GLU A 37 16.17 6.93 -12.30
N LEU A 38 15.69 5.70 -12.55
CA LEU A 38 16.10 4.98 -13.73
C LEU A 38 15.44 5.59 -14.97
N ALA A 39 16.06 5.34 -16.12
CA ALA A 39 15.49 5.81 -17.38
C ALA A 39 14.14 5.14 -17.63
N GLY A 40 13.13 5.94 -17.96
CA GLY A 40 11.84 5.39 -18.30
C GLY A 40 11.90 4.59 -19.59
N THR A 41 11.20 3.47 -19.61
CA THR A 41 11.15 2.59 -20.78
C THR A 41 9.73 2.53 -21.32
N SER A 42 9.64 2.07 -22.57
CA SER A 42 8.37 2.03 -23.28
C SER A 42 8.35 0.78 -24.15
N ASN A 43 7.19 0.12 -24.19
CA ASN A 43 6.97 -1.04 -25.06
C ASN A 43 5.54 -0.98 -25.54
N GLN A 44 5.35 -0.62 -26.81
CA GLN A 44 4.02 -0.55 -27.39
C GLN A 44 3.38 -1.92 -27.53
N TYR A 45 4.18 -3.00 -27.45
CA TYR A 45 3.71 -4.35 -27.76
C TYR A 45 4.02 -5.30 -26.60
N VAL A 46 3.54 -4.95 -25.41
CA VAL A 46 3.61 -5.90 -24.30
C VAL A 46 2.74 -7.11 -24.60
N PHE A 47 1.57 -6.90 -25.20
CA PHE A 47 0.75 -7.95 -25.77
C PHE A 47 0.52 -7.63 -27.24
N ASN A 48 0.82 -8.59 -28.11
CA ASN A 48 0.66 -8.38 -29.54
C ASN A 48 0.45 -9.73 -30.21
N GLY A 49 -0.33 -9.74 -31.29
CA GLY A 49 -0.46 -10.92 -32.11
C GLY A 49 -1.88 -11.25 -32.55
N GLY A 50 -2.87 -10.87 -31.74
CA GLY A 50 -4.25 -11.16 -32.03
C GLY A 50 -4.90 -10.08 -32.89
N ALA A 51 -6.21 -10.22 -33.06
CA ALA A 51 -6.97 -9.25 -33.84
C ALA A 51 -7.36 -8.06 -32.99
N ILE A 52 -7.81 -6.99 -33.66
CA ILE A 52 -8.15 -5.74 -32.98
C ILE A 52 -9.14 -6.02 -31.86
N ALA A 53 -8.98 -5.29 -30.75
CA ALA A 53 -9.78 -5.55 -29.56
C ALA A 53 -9.76 -4.33 -28.65
N LEU A 54 -10.73 -4.28 -27.73
CA LEU A 54 -10.75 -3.31 -26.65
C LEU A 54 -10.05 -3.95 -25.45
N MET A 55 -8.96 -3.36 -24.99
CA MET A 55 -8.08 -4.01 -24.04
C MET A 55 -7.65 -3.05 -22.94
N ARG A 56 -7.26 -3.63 -21.81
CA ARG A 56 -6.73 -2.86 -20.68
C ARG A 56 -5.75 -3.73 -19.92
N GLY A 57 -4.87 -3.09 -19.16
CA GLY A 57 -3.83 -3.79 -18.43
C GLY A 57 -3.88 -3.47 -16.94
N LYS A 58 -3.74 -4.53 -16.12
CA LYS A 58 -3.72 -4.41 -14.67
C LYS A 58 -2.37 -4.88 -14.15
N PHE A 59 -1.72 -4.04 -13.36
CA PHE A 59 -0.43 -4.37 -12.77
C PHE A 59 -0.60 -4.94 -11.38
N THR A 60 0.12 -6.02 -11.08
CA THR A 60 0.09 -6.66 -9.78
C THR A 60 1.52 -6.71 -9.23
N PRO A 61 1.81 -6.05 -8.10
CA PRO A 61 3.17 -6.12 -7.56
C PRO A 61 3.56 -7.53 -7.19
N ALA A 62 4.87 -7.81 -7.31
CA ALA A 62 5.43 -9.10 -6.95
C ALA A 62 6.35 -9.06 -5.74
N LEU A 63 6.85 -7.87 -5.34
CA LEU A 63 7.84 -7.75 -4.28
C LEU A 63 7.18 -7.33 -2.97
N PRO A 64 7.74 -7.72 -1.82
CA PRO A 64 7.14 -7.33 -0.54
C PRO A 64 7.16 -5.80 -0.37
N LYS A 65 6.15 -5.30 0.34
CA LYS A 65 6.06 -3.89 0.66
C LYS A 65 6.75 -3.64 2.00
N ILE A 66 7.74 -2.75 2.01
CA ILE A 66 8.50 -2.44 3.21
C ILE A 66 8.28 -1.03 3.70
N GLY A 67 7.54 -0.20 2.97
CA GLY A 67 7.33 1.17 3.40
C GLY A 67 6.53 1.94 2.38
N SER A 68 6.58 3.27 2.50
CA SER A 68 5.85 4.16 1.62
C SER A 68 6.53 5.52 1.65
N ILE A 69 6.42 6.26 0.55
CA ILE A 69 7.09 7.54 0.41
C ILE A 69 6.35 8.40 -0.61
N THR A 70 6.33 9.70 -0.34
CA THR A 70 5.78 10.68 -1.27
C THR A 70 6.85 11.13 -2.25
N TYR A 71 6.47 11.24 -3.52
CA TYR A 71 7.44 11.57 -4.57
C TYR A 71 6.70 12.00 -5.83
N THR A 72 7.42 12.72 -6.68
CA THR A 72 6.94 13.12 -8.00
C THR A 72 8.05 12.87 -9.00
N PHE A 73 7.79 12.00 -9.97
CA PHE A 73 8.79 11.71 -10.99
C PHE A 73 9.01 12.91 -11.89
N HIS A 74 10.27 13.09 -12.30
CA HIS A 74 10.60 14.14 -13.25
C HIS A 74 10.33 13.73 -14.69
N GLN A 75 10.21 12.44 -14.96
CA GLN A 75 10.15 11.94 -16.33
C GLN A 75 8.72 11.96 -16.89
N GLY A 76 7.82 11.20 -16.29
CA GLY A 76 6.48 11.08 -16.81
C GLY A 76 5.64 12.32 -16.59
N ASN A 77 4.46 12.32 -17.19
CA ASN A 77 3.47 13.39 -16.96
C ASN A 77 2.99 13.27 -15.52
N SER A 78 3.80 13.78 -14.61
CA SER A 78 3.57 13.69 -13.17
C SER A 78 3.44 15.12 -12.65
N ARG A 79 2.20 15.57 -12.47
CA ARG A 79 1.93 16.93 -12.03
C ARG A 79 1.93 17.02 -10.50
N ASP A 80 1.03 16.31 -9.84
CA ASP A 80 0.96 16.27 -8.39
C ASP A 80 1.87 15.18 -7.84
N SER A 81 2.07 15.22 -6.53
CA SER A 81 2.80 14.17 -5.83
C SER A 81 1.85 13.06 -5.42
N SER A 82 2.41 11.89 -5.13
CA SER A 82 1.60 10.72 -4.83
C SER A 82 2.34 9.82 -3.86
N ASP A 83 1.58 8.91 -3.27
CA ASP A 83 2.12 7.87 -2.38
C ASP A 83 2.57 6.69 -3.24
N PHE A 84 3.84 6.30 -3.07
CA PHE A 84 4.37 5.09 -3.67
C PHE A 84 4.68 4.09 -2.56
N ASP A 85 4.51 2.81 -2.89
CA ASP A 85 4.93 1.73 -2.00
C ASP A 85 6.39 1.41 -2.27
N ILE A 86 7.19 1.31 -1.21
CA ILE A 86 8.60 0.93 -1.33
C ILE A 86 8.68 -0.58 -1.29
N TYR A 87 9.26 -1.17 -2.33
CA TYR A 87 9.36 -2.61 -2.45
C TYR A 87 10.80 -3.07 -2.16
N ASP A 88 10.90 -4.29 -1.63
CA ASP A 88 12.19 -4.86 -1.25
C ASP A 88 12.77 -5.63 -2.42
N ILE A 89 13.98 -5.25 -2.84
CA ILE A 89 14.72 -5.98 -3.86
C ILE A 89 15.84 -6.83 -3.26
N GLY A 90 15.82 -7.03 -1.94
CA GLY A 90 16.82 -7.86 -1.29
C GLY A 90 18.19 -7.24 -1.22
N VAL A 91 18.27 -5.94 -0.96
CA VAL A 91 19.55 -5.24 -0.87
C VAL A 91 19.49 -4.30 0.33
N SER A 92 20.34 -4.56 1.32
CA SER A 92 20.32 -3.77 2.56
C SER A 92 20.45 -2.28 2.27
N GLY A 93 19.59 -1.49 2.91
CA GLY A 93 19.61 -0.06 2.75
C GLY A 93 18.96 0.46 1.49
N LEU A 94 18.34 -0.39 0.68
CA LEU A 94 17.77 0.02 -0.59
C LEU A 94 16.32 -0.42 -0.71
N GLY A 95 15.61 0.25 -1.62
CA GLY A 95 14.26 -0.08 -2.01
C GLY A 95 13.98 0.64 -3.31
N ILE A 96 12.87 0.27 -3.94
CA ILE A 96 12.48 0.87 -5.21
C ILE A 96 10.98 1.17 -5.20
N ILE A 97 10.60 2.17 -5.98
CA ILE A 97 9.21 2.52 -6.20
C ILE A 97 8.94 2.43 -7.69
N ILE A 98 7.67 2.21 -8.04
CA ILE A 98 7.29 1.95 -9.41
C ILE A 98 6.17 2.91 -9.81
N GLY A 99 6.21 3.38 -11.06
CA GLY A 99 5.12 4.09 -11.66
C GLY A 99 4.93 3.62 -13.09
N MET A 100 3.69 3.39 -13.51
CA MET A 100 3.41 2.87 -14.84
C MET A 100 2.35 3.74 -15.51
N ALA A 101 2.21 3.55 -16.82
CA ALA A 101 1.26 4.31 -17.62
C ALA A 101 1.08 3.59 -18.94
N GLY A 102 0.08 4.03 -19.70
CA GLY A 102 -0.10 3.53 -21.04
C GLY A 102 1.06 3.90 -21.94
N TYR A 103 1.17 3.19 -23.06
CA TYR A 103 2.26 3.45 -23.99
C TYR A 103 2.19 4.86 -24.55
N TRP A 104 0.99 5.33 -24.87
CA TRP A 104 0.86 6.61 -25.56
C TRP A 104 1.30 7.76 -24.64
N PRO A 105 1.96 8.78 -25.18
CA PRO A 105 2.66 9.74 -24.30
C PRO A 105 1.75 10.56 -23.42
N ALA A 106 0.50 10.82 -23.84
CA ALA A 106 -0.38 11.69 -23.06
C ALA A 106 -0.90 11.03 -21.80
N THR A 107 -0.75 9.71 -21.65
CA THR A 107 -1.32 9.02 -20.51
C THR A 107 -0.63 9.44 -19.21
N PRO A 108 -1.33 9.37 -18.08
CA PRO A 108 -0.73 9.78 -16.80
C PRO A 108 0.02 8.67 -16.09
N LEU A 109 1.10 9.05 -15.41
CA LEU A 109 1.83 8.11 -14.58
C LEU A 109 0.94 7.61 -13.46
N VAL A 110 0.87 6.29 -13.30
CA VAL A 110 0.01 5.66 -12.30
C VAL A 110 0.88 5.14 -11.17
N PRO A 111 0.92 5.80 -10.02
CA PRO A 111 1.76 5.31 -8.92
C PRO A 111 1.25 3.97 -8.40
N ILE A 112 2.20 3.08 -8.08
CA ILE A 112 1.88 1.77 -7.56
C ILE A 112 1.90 1.88 -6.03
N ASN A 113 0.70 1.93 -5.43
CA ASN A 113 0.56 1.99 -3.98
C ASN A 113 -0.52 1.05 -3.50
N SER A 114 -0.73 -0.05 -4.22
CA SER A 114 -1.76 -1.03 -3.88
C SER A 114 -1.32 -2.37 -4.44
N SER A 115 -2.14 -3.39 -4.18
CA SER A 115 -1.88 -4.73 -4.69
C SER A 115 -2.43 -4.96 -6.08
N GLY A 116 -3.06 -3.95 -6.68
CA GLY A 116 -3.59 -4.08 -8.03
C GLY A 116 -4.16 -2.79 -8.56
N ILE A 117 -3.77 -2.40 -9.77
CA ILE A 117 -4.22 -1.15 -10.36
C ILE A 117 -4.15 -1.26 -11.87
N TYR A 118 -5.12 -0.66 -12.55
CA TYR A 118 -5.09 -0.53 -14.00
C TYR A 118 -4.16 0.61 -14.38
N ILE A 119 -3.11 0.30 -15.15
CA ILE A 119 -2.19 1.33 -15.62
C ILE A 119 -2.68 1.99 -16.90
N ASP A 120 -3.54 1.31 -17.67
CA ASP A 120 -4.05 1.88 -18.91
C ASP A 120 -5.25 1.08 -19.40
N PRO A 121 -6.41 1.71 -19.63
CA PRO A 121 -6.70 3.12 -19.38
C PRO A 121 -6.92 3.38 -17.90
N VAL A 122 -6.43 4.51 -17.39
CA VAL A 122 -6.55 4.78 -15.97
C VAL A 122 -8.00 4.94 -15.55
N GLY A 123 -8.91 5.17 -16.51
CA GLY A 123 -10.32 5.26 -16.19
C GLY A 123 -10.93 3.95 -15.75
N ALA A 124 -10.35 2.83 -16.18
CA ALA A 124 -10.86 1.52 -15.75
C ALA A 124 -10.79 1.35 -14.23
N ASN A 125 -9.98 2.17 -13.55
CA ASN A 125 -9.91 2.09 -12.10
C ASN A 125 -11.18 2.61 -11.43
N THR A 126 -11.98 3.41 -12.14
CA THR A 126 -13.23 3.94 -11.61
C THR A 126 -14.44 3.55 -12.46
N ASN A 127 -14.26 2.67 -13.44
CA ASN A 127 -15.38 2.18 -14.25
C ASN A 127 -15.00 0.81 -14.84
N PRO A 128 -15.64 -0.28 -14.40
CA PRO A 128 -15.22 -1.61 -14.85
C PRO A 128 -15.56 -1.93 -16.30
N ASN A 129 -16.30 -1.06 -16.99
CA ASN A 129 -16.61 -1.27 -18.39
C ASN A 129 -15.64 -0.54 -19.33
N THR A 130 -14.62 0.12 -18.79
CA THR A 130 -13.75 0.96 -19.58
C THR A 130 -12.55 0.18 -20.09
N TYR A 131 -12.32 0.25 -21.40
CA TYR A 131 -11.17 -0.35 -22.05
C TYR A 131 -10.56 0.68 -22.98
N ASN A 132 -9.36 0.39 -23.47
CA ASN A 132 -8.77 1.24 -24.50
C ASN A 132 -9.58 1.14 -25.78
N GLY A 133 -9.41 2.15 -26.64
CA GLY A 133 -10.00 2.08 -27.96
C GLY A 133 -9.46 0.93 -28.77
N ALA A 134 -10.24 0.51 -29.76
CA ALA A 134 -9.90 -0.66 -30.56
C ALA A 134 -8.49 -0.56 -31.13
N THR A 135 -7.66 -1.55 -30.79
CA THR A 135 -6.30 -1.64 -31.32
C THR A 135 -5.89 -3.10 -31.29
N ALA A 136 -4.84 -3.43 -32.05
CA ALA A 136 -4.31 -4.78 -32.11
C ALA A 136 -3.06 -4.96 -31.25
N SER A 137 -2.92 -4.14 -30.21
CA SER A 137 -1.76 -4.23 -29.34
C SER A 137 -2.07 -3.55 -28.02
N PHE A 138 -1.36 -3.97 -26.97
CA PHE A 138 -1.36 -3.29 -25.68
C PHE A 138 0.09 -3.07 -25.27
N GLY A 139 0.39 -1.85 -24.80
CA GLY A 139 1.71 -1.50 -24.35
C GLY A 139 1.67 -0.79 -23.01
N ALA A 140 2.84 -0.40 -22.53
CA ALA A 140 2.96 0.27 -21.25
C ALA A 140 4.23 1.11 -21.23
N ARG A 141 4.31 1.99 -20.24
CA ARG A 141 5.52 2.71 -19.89
C ARG A 141 5.87 2.40 -18.45
N LEU A 142 7.17 2.27 -18.17
CA LEU A 142 7.65 1.83 -16.86
C LEU A 142 8.59 2.88 -16.28
N PHE A 143 8.34 3.27 -15.03
CA PHE A 143 9.17 4.22 -14.30
C PHE A 143 9.55 3.60 -12.96
N VAL A 144 10.84 3.63 -12.64
CA VAL A 144 11.35 3.06 -11.39
C VAL A 144 12.33 4.04 -10.78
N ALA A 145 12.32 4.13 -9.45
CA ALA A 145 13.23 5.00 -8.72
C ALA A 145 13.77 4.26 -7.51
N PHE A 146 15.08 4.38 -7.30
CA PHE A 146 15.73 3.75 -6.15
C PHE A 146 15.52 4.59 -4.90
N VAL A 147 15.32 3.92 -3.77
CA VAL A 147 15.10 4.56 -2.48
C VAL A 147 16.13 4.05 -1.49
N ALA A 148 16.76 4.97 -0.77
CA ALA A 148 17.66 4.61 0.32
C ALA A 148 16.84 4.59 1.61
N THR A 149 16.71 3.40 2.21
CA THR A 149 16.01 3.28 3.48
C THR A 149 16.92 3.58 4.66
N GLY A 150 18.22 3.72 4.44
CA GLY A 150 19.16 4.07 5.49
C GLY A 150 20.44 4.58 4.88
N ARG A 151 21.33 5.04 5.76
CA ARG A 151 22.62 5.56 5.33
C ARG A 151 23.36 4.50 4.51
N LEU A 152 23.72 4.85 3.28
CA LEU A 152 24.39 3.90 2.40
C LEU A 152 25.90 4.07 2.47
N PRO A 153 26.68 2.99 2.41
CA PRO A 153 28.14 3.13 2.33
C PRO A 153 28.59 3.47 0.93
N ASN A 154 29.70 4.19 0.85
CA ASN A 154 30.24 4.61 -0.44
C ASN A 154 30.85 3.42 -1.16
N GLY A 155 30.72 3.42 -2.50
CA GLY A 155 31.27 2.35 -3.32
C GLY A 155 30.29 1.84 -4.36
N TYR A 156 30.37 0.56 -4.68
CA TYR A 156 29.51 -0.07 -5.68
C TYR A 156 28.60 -1.08 -4.99
N ILE A 157 27.30 -0.86 -5.09
CA ILE A 157 26.29 -1.78 -4.57
C ILE A 157 25.73 -2.57 -5.74
N THR A 158 25.71 -3.89 -5.61
CA THR A 158 25.17 -4.75 -6.65
C THR A 158 23.65 -4.83 -6.53
N ILE A 159 22.97 -4.70 -7.65
CA ILE A 159 21.51 -4.79 -7.72
C ILE A 159 21.18 -6.05 -8.53
N PRO A 160 20.50 -7.04 -7.96
CA PRO A 160 20.14 -8.22 -8.73
C PRO A 160 18.91 -7.97 -9.60
N THR A 161 18.78 -8.80 -10.64
CA THR A 161 17.60 -8.75 -11.49
C THR A 161 16.40 -9.29 -10.72
N ARG A 162 15.31 -8.53 -10.72
CA ARG A 162 14.11 -8.91 -10.00
C ARG A 162 12.89 -8.63 -10.87
N GLN A 163 11.89 -9.50 -10.78
CA GLN A 163 10.61 -9.26 -11.44
C GLN A 163 9.78 -8.35 -10.54
N LEU A 164 9.56 -7.12 -10.99
CA LEU A 164 8.83 -6.15 -10.17
C LEU A 164 7.36 -6.49 -10.06
N GLY A 165 6.81 -7.21 -11.02
CA GLY A 165 5.40 -7.56 -10.99
C GLY A 165 4.93 -8.22 -12.26
N THR A 166 3.72 -7.87 -12.69
CA THR A 166 3.08 -8.55 -13.81
C THR A 166 1.94 -7.69 -14.33
N ILE A 167 1.83 -7.60 -15.64
CA ILE A 167 0.68 -6.96 -16.29
C ILE A 167 -0.25 -8.06 -16.78
N LEU A 168 -1.54 -7.92 -16.48
CA LEU A 168 -2.55 -8.87 -16.88
C LEU A 168 -3.40 -8.24 -17.98
N LEU A 169 -3.61 -8.98 -19.07
CA LEU A 169 -4.38 -8.49 -20.21
C LEU A 169 -5.85 -8.84 -20.02
N GLU A 170 -6.70 -7.81 -19.97
CA GLU A 170 -8.15 -7.98 -19.96
C GLU A 170 -8.73 -7.34 -21.21
N ALA A 171 -9.81 -7.93 -21.72
CA ALA A 171 -10.44 -7.44 -22.93
C ALA A 171 -11.96 -7.54 -22.80
N LYS A 172 -12.65 -6.76 -23.64
CA LYS A 172 -14.10 -6.77 -23.62
C LYS A 172 -14.64 -8.13 -24.06
N ARG A 173 -14.11 -8.68 -25.15
CA ARG A 173 -14.59 -9.96 -25.62
C ARG A 173 -14.10 -11.07 -24.68
N THR A 174 -15.03 -11.93 -24.28
CA THR A 174 -14.74 -12.88 -23.20
C THR A 174 -13.63 -13.85 -23.59
N SER A 175 -13.57 -14.25 -24.86
CA SER A 175 -12.60 -15.26 -25.26
C SER A 175 -11.17 -14.79 -25.00
N LEU A 176 -10.87 -13.54 -25.34
CA LEU A 176 -9.53 -13.01 -25.08
C LEU A 176 -9.34 -12.73 -23.60
N ASN A 177 -10.40 -12.28 -22.91
CA ASN A 177 -10.32 -12.05 -21.48
C ASN A 177 -10.12 -13.35 -20.71
N ASN A 178 -10.66 -14.46 -21.22
CA ASN A 178 -10.56 -15.73 -20.50
C ASN A 178 -9.14 -16.29 -20.54
N LYS A 179 -8.36 -15.93 -21.56
CA LYS A 179 -6.97 -16.39 -21.61
C LYS A 179 -6.18 -15.94 -20.40
N GLY A 180 -6.51 -14.78 -19.84
CA GLY A 180 -5.77 -14.26 -18.70
C GLY A 180 -4.29 -14.10 -18.97
N LEU A 181 -3.94 -13.61 -20.16
CA LEU A 181 -2.54 -13.47 -20.53
C LEU A 181 -1.85 -12.45 -19.65
N THR A 182 -0.62 -12.77 -19.23
CA THR A 182 0.19 -11.88 -18.41
C THR A 182 1.56 -11.70 -19.04
N ALA A 183 2.19 -10.58 -18.70
CA ALA A 183 3.56 -10.29 -19.12
C ALA A 183 4.36 -9.79 -17.92
N PRO A 184 5.64 -10.12 -17.84
CA PRO A 184 6.42 -9.73 -16.67
C PRO A 184 6.97 -8.31 -16.77
N VAL A 185 7.11 -7.68 -15.61
CA VAL A 185 7.72 -6.36 -15.48
C VAL A 185 9.02 -6.53 -14.70
N MET A 186 10.12 -6.09 -15.30
CA MET A 186 11.45 -6.47 -14.85
C MET A 186 12.29 -5.25 -14.45
N LEU A 187 13.10 -5.44 -13.41
CA LEU A 187 14.25 -4.59 -13.12
C LEU A 187 15.50 -5.38 -13.48
N ASN A 188 16.27 -4.89 -14.44
CA ASN A 188 17.50 -5.55 -14.85
C ASN A 188 18.64 -5.11 -13.93
N GLY A 189 19.31 -6.08 -13.33
CA GLY A 189 20.32 -5.80 -12.33
C GLY A 189 21.55 -5.14 -12.91
N GLY A 190 22.47 -4.81 -12.00
CA GLY A 190 23.72 -4.18 -12.35
C GLY A 190 24.46 -3.68 -11.13
N ARG A 191 24.97 -2.46 -11.19
CA ARG A 191 25.61 -1.83 -10.05
C ARG A 191 25.22 -0.35 -10.00
N ILE A 192 25.30 0.22 -8.80
CA ILE A 192 25.08 1.65 -8.61
C ILE A 192 26.25 2.19 -7.80
N GLN A 193 26.64 3.42 -8.12
CA GLN A 193 27.82 4.05 -7.54
C GLN A 193 27.39 5.08 -6.51
N VAL A 194 27.77 4.86 -5.25
CA VAL A 194 27.44 5.77 -4.16
C VAL A 194 28.70 6.54 -3.80
N GLN A 195 28.54 7.85 -3.61
CA GLN A 195 29.66 8.71 -3.22
C GLN A 195 29.23 9.72 -2.16
N GLY B 2 -16.68 -16.12 -7.79
CA GLY B 2 -18.01 -15.82 -7.29
C GLY B 2 -18.14 -14.39 -6.80
N PRO B 3 -19.38 -13.94 -6.57
CA PRO B 3 -19.58 -12.54 -6.14
C PRO B 3 -19.27 -12.30 -4.67
N ASP B 4 -19.32 -13.33 -3.83
CA ASP B 4 -19.02 -13.19 -2.41
C ASP B 4 -17.57 -13.55 -2.08
N ASP B 5 -16.76 -13.91 -3.07
CA ASP B 5 -15.41 -14.41 -2.83
C ASP B 5 -14.45 -13.24 -2.61
N TYR B 6 -14.66 -12.55 -1.48
CA TYR B 6 -13.74 -11.51 -1.05
C TYR B 6 -12.57 -12.13 -0.30
N VAL B 7 -11.37 -11.59 -0.54
CA VAL B 7 -10.14 -12.14 0.00
C VAL B 7 -9.57 -11.13 0.99
N PRO B 8 -9.31 -11.52 2.23
CA PRO B 8 -8.69 -10.58 3.18
C PRO B 8 -7.21 -10.42 2.96
N SER B 9 -6.73 -9.20 3.24
CA SER B 9 -5.31 -8.90 3.30
C SER B 9 -5.06 -8.01 4.51
N GLN B 10 -3.83 -8.06 5.02
CA GLN B 10 -3.53 -7.37 6.27
C GLN B 10 -3.22 -5.91 6.03
N ILE B 11 -3.35 -5.12 7.10
CA ILE B 11 -2.86 -3.74 7.14
C ILE B 11 -1.92 -3.64 8.35
N ALA B 12 -0.79 -2.98 8.15
CA ALA B 12 0.25 -2.99 9.17
C ALA B 12 0.99 -1.65 9.18
N VAL B 13 1.53 -1.32 10.35
CA VAL B 13 2.44 -0.20 10.53
C VAL B 13 3.80 -0.76 10.92
N ASN B 14 4.85 0.03 10.68
CA ASN B 14 6.23 -0.41 10.88
C ASN B 14 6.83 0.34 12.05
N THR B 15 7.34 -0.41 13.04
CA THR B 15 8.01 0.22 14.17
C THR B 15 9.20 1.06 13.74
N SER B 16 9.88 0.65 12.66
CA SER B 16 11.08 1.35 12.23
C SER B 16 10.80 2.82 11.93
N THR B 17 9.56 3.14 11.56
CA THR B 17 9.23 4.53 11.20
C THR B 17 9.16 5.45 12.40
N LEU B 18 9.27 4.94 13.62
CA LEU B 18 9.22 5.80 14.79
C LEU B 18 10.46 6.69 14.84
N PRO B 19 10.30 8.01 14.95
CA PRO B 19 11.47 8.87 15.14
C PRO B 19 12.21 8.51 16.43
N GLY B 20 13.36 9.15 16.60
CA GLY B 20 14.14 8.93 17.81
C GLY B 20 13.51 9.63 19.00
N VAL B 21 13.35 8.89 20.09
CA VAL B 21 12.78 9.45 21.32
C VAL B 21 13.89 10.15 22.08
N VAL B 22 13.52 11.17 22.86
CA VAL B 22 14.49 12.05 23.49
C VAL B 22 14.16 12.27 24.96
N ILE B 23 12.87 12.31 25.29
CA ILE B 23 12.42 12.58 26.66
C ILE B 23 13.10 13.84 27.19
N THR B 30 5.71 13.84 33.00
CA THR B 30 4.53 13.10 33.45
C THR B 30 4.24 11.91 32.55
N TYR B 31 3.70 10.84 33.14
CA TYR B 31 3.37 9.63 32.41
C TYR B 31 1.93 9.23 32.70
N PRO B 32 1.21 8.67 31.73
CA PRO B 32 1.65 8.30 30.38
C PRO B 32 1.86 9.49 29.45
N ARG B 33 2.69 9.30 28.43
CA ARG B 33 2.93 10.33 27.43
C ARG B 33 3.28 9.65 26.11
N VAL B 34 2.75 10.19 25.02
CA VAL B 34 3.10 9.69 23.69
C VAL B 34 4.52 10.12 23.35
N ILE B 35 5.28 9.22 22.74
CA ILE B 35 6.68 9.46 22.41
C ILE B 35 6.91 9.55 20.90
N GLY B 36 5.88 9.33 20.10
CA GLY B 36 6.03 9.43 18.66
C GLY B 36 4.96 8.64 17.94
N GLU B 37 4.75 9.01 16.69
CA GLU B 37 3.81 8.34 15.81
C GLU B 37 4.56 7.51 14.78
N LEU B 38 4.05 6.31 14.50
CA LEU B 38 4.54 5.57 13.35
C LEU B 38 3.99 6.21 12.08
N ALA B 39 4.54 5.80 10.94
CA ALA B 39 4.05 6.27 9.66
C ALA B 39 2.68 5.64 9.38
N GLY B 40 1.67 6.48 9.17
CA GLY B 40 0.37 5.97 8.82
C GLY B 40 0.42 5.14 7.55
N THR B 41 -0.41 4.10 7.50
CA THR B 41 -0.47 3.20 6.36
C THR B 41 -1.87 3.18 5.79
N SER B 42 -1.95 2.81 4.51
CA SER B 42 -3.20 2.75 3.77
C SER B 42 -3.24 1.47 2.96
N ASN B 43 -4.34 0.72 3.08
CA ASN B 43 -4.56 -0.49 2.28
C ASN B 43 -5.97 -0.40 1.70
N GLN B 44 -6.06 -0.07 0.41
CA GLN B 44 -7.34 0.04 -0.25
C GLN B 44 -8.07 -1.29 -0.32
N TYR B 45 -7.34 -2.41 -0.25
CA TYR B 45 -7.92 -3.73 -0.49
C TYR B 45 -7.74 -4.66 0.69
N VAL B 46 -8.15 -4.24 1.88
CA VAL B 46 -8.20 -5.16 3.00
C VAL B 46 -9.17 -6.30 2.70
N PHE B 47 -10.18 -6.02 1.89
CA PHE B 47 -11.07 -7.04 1.34
C PHE B 47 -11.30 -6.72 -0.13
N ASN B 48 -11.04 -7.68 -1.00
CA ASN B 48 -11.23 -7.48 -2.44
C ASN B 48 -11.44 -8.84 -3.10
N GLY B 49 -11.97 -8.81 -4.32
CA GLY B 49 -12.16 -10.00 -5.09
C GLY B 49 -13.60 -10.31 -5.44
N GLY B 50 -14.50 -10.03 -4.50
CA GLY B 50 -15.92 -10.30 -4.71
C GLY B 50 -16.57 -9.27 -5.62
N ALA B 51 -17.90 -9.24 -5.63
CA ALA B 51 -18.66 -8.30 -6.45
C ALA B 51 -19.12 -7.11 -5.61
N ILE B 52 -19.47 -6.03 -6.32
CA ILE B 52 -19.82 -4.78 -5.66
C ILE B 52 -20.85 -5.03 -4.57
N ALA B 53 -20.71 -4.29 -3.46
CA ALA B 53 -21.54 -4.54 -2.29
C ALA B 53 -21.52 -3.33 -1.38
N LEU B 54 -22.51 -3.26 -0.49
CA LEU B 54 -22.51 -2.32 0.62
C LEU B 54 -21.81 -2.99 1.79
N MET B 55 -20.68 -2.44 2.22
CA MET B 55 -19.81 -3.10 3.19
C MET B 55 -19.39 -2.11 4.27
N ARG B 56 -18.84 -2.68 5.33
CA ARG B 56 -18.32 -1.89 6.44
C ARG B 56 -17.35 -2.76 7.24
N GLY B 57 -16.51 -2.10 8.03
CA GLY B 57 -15.53 -2.80 8.83
C GLY B 57 -15.63 -2.52 10.31
N LYS B 58 -15.72 -3.58 11.11
CA LYS B 58 -15.66 -3.47 12.56
C LYS B 58 -14.28 -3.93 13.03
N PHE B 59 -13.58 -3.06 13.74
CA PHE B 59 -12.29 -3.41 14.31
C PHE B 59 -12.48 -3.93 15.73
N THR B 60 -11.73 -4.98 16.08
CA THR B 60 -11.76 -5.55 17.41
C THR B 60 -10.32 -5.68 17.91
N PRO B 61 -9.97 -5.05 19.04
CA PRO B 61 -8.58 -5.17 19.51
C PRO B 61 -8.30 -6.53 20.12
N ALA B 62 -7.03 -6.93 20.06
CA ALA B 62 -6.59 -8.21 20.59
C ALA B 62 -5.67 -8.08 21.81
N LEU B 63 -5.08 -6.90 22.05
CA LEU B 63 -4.10 -6.76 23.12
C LEU B 63 -4.77 -6.35 24.42
N PRO B 64 -4.16 -6.69 25.57
CA PRO B 64 -4.74 -6.28 26.86
C PRO B 64 -4.67 -4.76 27.04
N LYS B 65 -5.72 -4.21 27.64
CA LYS B 65 -5.75 -2.80 27.99
C LYS B 65 -5.01 -2.58 29.31
N ILE B 66 -4.22 -1.52 29.39
CA ILE B 66 -3.46 -1.20 30.57
C ILE B 66 -3.57 0.26 30.94
N GLY B 67 -4.38 1.02 30.23
CA GLY B 67 -4.56 2.42 30.52
C GLY B 67 -5.30 3.14 29.42
N SER B 68 -5.32 4.47 29.54
CA SER B 68 -5.99 5.33 28.58
C SER B 68 -5.29 6.68 28.57
N ILE B 69 -5.43 7.39 27.46
CA ILE B 69 -4.75 8.67 27.28
C ILE B 69 -5.47 9.48 26.22
N THR B 70 -5.59 10.78 26.46
CA THR B 70 -6.14 11.70 25.48
C THR B 70 -5.02 12.19 24.57
N TYR B 71 -5.30 12.24 23.27
CA TYR B 71 -4.27 12.57 22.29
C TYR B 71 -4.91 13.01 20.99
N THR B 72 -4.18 13.84 20.24
CA THR B 72 -4.60 14.31 18.92
C THR B 72 -3.50 13.94 17.93
N PHE B 73 -3.83 13.04 17.01
CA PHE B 73 -2.85 12.61 16.02
C PHE B 73 -2.49 13.75 15.08
N HIS B 74 -1.22 13.79 14.68
CA HIS B 74 -0.79 14.77 13.68
C HIS B 74 -1.17 14.31 12.27
N GLN B 75 -1.07 13.02 12.00
CA GLN B 75 -1.29 12.50 10.64
C GLN B 75 -2.76 12.48 10.26
N GLY B 76 -3.66 12.38 11.22
CA GLY B 76 -5.06 12.20 10.89
C GLY B 76 -5.78 13.50 10.62
N ASN B 77 -6.82 13.41 9.78
CA ASN B 77 -7.77 14.50 9.59
C ASN B 77 -8.54 14.67 10.91
N SER B 78 -7.89 15.31 11.87
CA SER B 78 -8.41 15.36 13.23
C SER B 78 -7.99 16.68 13.88
N ARG B 79 -8.97 17.55 14.11
CA ARG B 79 -8.73 18.76 14.89
C ARG B 79 -8.82 18.48 16.38
N ASP B 80 -9.75 17.64 16.79
CA ASP B 80 -10.05 17.42 18.20
C ASP B 80 -9.22 16.27 18.76
N SER B 81 -9.25 16.15 20.08
CA SER B 81 -8.63 15.05 20.79
C SER B 81 -9.68 13.99 21.13
N SER B 82 -9.21 12.85 21.64
CA SER B 82 -10.12 11.79 22.04
C SER B 82 -9.35 10.81 22.92
N ASP B 83 -10.10 9.93 23.58
CA ASP B 83 -9.53 8.95 24.48
C ASP B 83 -9.15 7.68 23.72
N PHE B 84 -7.91 7.24 23.90
CA PHE B 84 -7.43 5.99 23.34
C PHE B 84 -7.14 5.01 24.46
N ASP B 85 -7.48 3.74 24.24
CA ASP B 85 -7.02 2.69 25.14
C ASP B 85 -5.54 2.40 24.87
N ILE B 86 -4.75 2.29 25.93
CA ILE B 86 -3.35 1.93 25.82
C ILE B 86 -3.25 0.42 25.90
N TYR B 87 -2.63 -0.19 24.89
CA TYR B 87 -2.55 -1.64 24.78
C TYR B 87 -1.14 -2.11 25.12
N ASP B 88 -1.07 -3.31 25.70
CA ASP B 88 0.18 -3.91 26.15
C ASP B 88 0.76 -4.76 25.03
N ILE B 89 2.00 -4.46 24.64
CA ILE B 89 2.71 -5.24 23.64
C ILE B 89 3.81 -6.09 24.26
N GLY B 90 3.81 -6.23 25.59
CA GLY B 90 4.80 -7.04 26.25
C GLY B 90 6.16 -6.37 26.43
N VAL B 91 6.21 -5.04 26.39
CA VAL B 91 7.45 -4.30 26.52
C VAL B 91 7.34 -3.41 27.75
N SER B 92 8.22 -3.62 28.72
CA SER B 92 8.15 -2.88 29.97
C SER B 92 8.29 -1.38 29.73
N GLY B 93 7.35 -0.61 30.29
CA GLY B 93 7.38 0.83 30.20
C GLY B 93 6.80 1.40 28.92
N LEU B 94 6.23 0.57 28.06
CA LEU B 94 5.70 1.02 26.78
C LEU B 94 4.27 0.55 26.60
N GLY B 95 3.59 1.21 25.67
CA GLY B 95 2.27 0.83 25.21
C GLY B 95 2.03 1.52 23.89
N ILE B 96 0.92 1.16 23.24
CA ILE B 96 0.57 1.75 21.96
C ILE B 96 -0.90 2.10 21.95
N ILE B 97 -1.24 3.13 21.17
CA ILE B 97 -2.62 3.54 20.93
C ILE B 97 -2.88 3.39 19.43
N ILE B 98 -4.14 3.17 19.09
CA ILE B 98 -4.53 2.85 17.72
C ILE B 98 -5.60 3.82 17.26
N GLY B 99 -5.46 4.30 16.04
CA GLY B 99 -6.54 5.00 15.36
C GLY B 99 -6.70 4.44 13.97
N MET B 100 -7.95 4.31 13.53
CA MET B 100 -8.25 3.73 12.23
C MET B 100 -9.31 4.57 11.54
N ALA B 101 -9.27 4.54 10.20
CA ALA B 101 -10.22 5.28 9.39
C ALA B 101 -10.46 4.51 8.10
N GLY B 102 -11.45 4.95 7.34
CA GLY B 102 -11.67 4.40 6.03
C GLY B 102 -10.56 4.75 5.07
N TYR B 103 -10.55 4.06 3.94
CA TYR B 103 -9.49 4.28 2.95
C TYR B 103 -9.53 5.70 2.40
N TRP B 104 -10.72 6.21 2.08
CA TRP B 104 -10.79 7.51 1.43
C TRP B 104 -10.34 8.61 2.40
N PRO B 105 -9.67 9.65 1.90
CA PRO B 105 -8.95 10.55 2.81
C PRO B 105 -9.84 11.41 3.67
N ALA B 106 -11.06 11.72 3.24
CA ALA B 106 -11.93 12.61 4.00
C ALA B 106 -12.49 11.97 5.25
N THR B 107 -12.42 10.65 5.38
CA THR B 107 -13.01 9.98 6.53
C THR B 107 -12.21 10.28 7.80
N PRO B 108 -12.87 10.33 8.96
CA PRO B 108 -12.18 10.73 10.18
C PRO B 108 -11.46 9.58 10.85
N LEU B 109 -10.39 9.93 11.57
CA LEU B 109 -9.70 8.97 12.42
C LEU B 109 -10.61 8.51 13.55
N VAL B 110 -10.79 7.21 13.67
CA VAL B 110 -11.64 6.62 14.71
C VAL B 110 -10.73 6.16 15.84
N PRO B 111 -10.82 6.74 17.03
CA PRO B 111 -9.98 6.28 18.15
C PRO B 111 -10.46 4.94 18.67
N ILE B 112 -9.53 3.99 18.79
CA ILE B 112 -9.84 2.70 19.39
C ILE B 112 -9.82 2.86 20.89
N ASN B 113 -10.98 2.69 21.54
CA ASN B 113 -11.07 2.79 22.98
C ASN B 113 -12.21 1.94 23.53
N SER B 114 -12.52 0.83 22.88
CA SER B 114 -13.60 -0.04 23.29
C SER B 114 -13.34 -1.43 22.73
N SER B 115 -14.24 -2.37 23.05
CA SER B 115 -14.07 -3.75 22.63
C SER B 115 -14.35 -3.97 21.15
N GLY B 116 -14.92 -2.97 20.46
CA GLY B 116 -15.23 -3.10 19.05
C GLY B 116 -15.87 -1.85 18.49
N ILE B 117 -15.45 -1.43 17.30
CA ILE B 117 -15.94 -0.18 16.71
C ILE B 117 -15.88 -0.29 15.20
N TYR B 118 -16.79 0.41 14.54
CA TYR B 118 -16.77 0.51 13.08
C TYR B 118 -15.79 1.61 12.66
N ILE B 119 -14.77 1.24 11.89
CA ILE B 119 -13.83 2.23 11.40
C ILE B 119 -14.33 2.93 10.14
N ASP B 120 -15.24 2.31 9.40
CA ASP B 120 -15.79 2.90 8.18
C ASP B 120 -16.97 2.09 7.68
N PRO B 121 -18.15 2.70 7.46
CA PRO B 121 -18.44 4.12 7.68
C PRO B 121 -18.61 4.40 9.17
N VAL B 122 -17.98 5.47 9.65
CA VAL B 122 -18.08 5.80 11.07
C VAL B 122 -19.53 5.95 11.51
N GLY B 123 -20.42 6.30 10.58
CA GLY B 123 -21.83 6.43 10.91
C GLY B 123 -22.48 5.12 11.33
N ALA B 124 -21.93 3.98 10.92
CA ALA B 124 -22.49 2.70 11.32
C ALA B 124 -22.51 2.53 12.83
N ASN B 125 -21.63 3.25 13.55
CA ASN B 125 -21.61 3.15 15.00
C ASN B 125 -22.88 3.71 15.64
N THR B 126 -23.66 4.49 14.91
CA THR B 126 -24.87 5.09 15.44
C THR B 126 -26.08 4.83 14.57
N ASN B 127 -25.97 3.93 13.58
CA ASN B 127 -27.11 3.47 12.80
C ASN B 127 -26.76 2.10 12.23
N PRO B 128 -27.39 1.02 12.70
CA PRO B 128 -26.97 -0.32 12.26
C PRO B 128 -27.32 -0.63 10.81
N ASN B 129 -28.17 0.15 10.17
CA ASN B 129 -28.50 -0.06 8.76
C ASN B 129 -27.47 0.58 7.83
N THR B 130 -26.47 1.27 8.37
CA THR B 130 -25.58 2.09 7.56
C THR B 130 -24.37 1.28 7.09
N TYR B 131 -24.12 1.33 5.78
CA TYR B 131 -22.94 0.74 5.17
C TYR B 131 -22.34 1.75 4.22
N ASN B 132 -21.16 1.42 3.69
CA ASN B 132 -20.56 2.25 2.65
C ASN B 132 -21.34 2.14 1.35
N GLY B 133 -21.18 3.15 0.51
CA GLY B 133 -21.75 3.09 -0.82
C GLY B 133 -21.20 1.92 -1.60
N ALA B 134 -21.88 1.63 -2.72
CA ALA B 134 -21.59 0.44 -3.50
C ALA B 134 -20.16 0.47 -4.03
N THR B 135 -19.35 -0.48 -3.58
CA THR B 135 -17.96 -0.61 -4.03
C THR B 135 -17.58 -2.09 -4.02
N ALA B 136 -16.59 -2.43 -4.84
CA ALA B 136 -16.10 -3.79 -4.96
C ALA B 136 -14.87 -4.04 -4.07
N SER B 137 -14.75 -3.32 -2.96
CA SER B 137 -13.60 -3.49 -2.09
C SER B 137 -13.85 -2.71 -0.81
N PHE B 138 -13.14 -3.12 0.25
CA PHE B 138 -13.14 -2.40 1.51
C PHE B 138 -11.69 -2.23 1.98
N GLY B 139 -11.30 -0.98 2.22
CA GLY B 139 -9.97 -0.68 2.68
C GLY B 139 -9.97 0.08 3.99
N ALA B 140 -8.81 0.51 4.45
CA ALA B 140 -8.71 1.22 5.72
C ALA B 140 -7.36 1.94 5.77
N ARG B 141 -7.23 2.80 6.77
CA ARG B 141 -5.97 3.42 7.12
C ARG B 141 -5.69 3.16 8.59
N LEU B 142 -4.40 3.03 8.93
CA LEU B 142 -3.98 2.62 10.25
C LEU B 142 -3.02 3.66 10.84
N PHE B 143 -3.34 4.12 12.05
CA PHE B 143 -2.50 5.06 12.77
C PHE B 143 -2.16 4.47 14.13
N VAL B 144 -0.88 4.45 14.47
CA VAL B 144 -0.40 3.88 15.72
C VAL B 144 0.65 4.80 16.32
N ALA B 145 0.58 4.99 17.63
CA ALA B 145 1.52 5.82 18.36
C ALA B 145 2.02 5.07 19.59
N PHE B 146 3.30 5.20 19.87
CA PHE B 146 3.91 4.58 21.04
C PHE B 146 3.74 5.48 22.25
N VAL B 147 3.49 4.85 23.40
CA VAL B 147 3.32 5.55 24.67
C VAL B 147 4.34 5.02 25.65
N ALA B 148 4.85 5.90 26.50
CA ALA B 148 5.73 5.53 27.60
C ALA B 148 4.89 5.50 28.88
N THR B 149 4.70 4.30 29.43
CA THR B 149 4.01 4.16 30.71
C THR B 149 4.93 4.44 31.89
N GLY B 150 6.16 4.87 31.63
CA GLY B 150 7.10 5.16 32.69
C GLY B 150 8.44 5.51 32.09
N ARG B 151 9.25 6.22 32.88
CA ARG B 151 10.53 6.70 32.40
C ARG B 151 11.35 5.55 31.82
N LEU B 152 11.84 5.76 30.59
CA LEU B 152 12.54 4.71 29.86
C LEU B 152 14.05 4.92 29.91
N PRO B 153 14.82 3.84 29.76
CA PRO B 153 16.27 4.00 29.65
C PRO B 153 16.69 4.35 28.22
N ASN B 154 17.84 5.00 28.12
CA ASN B 154 18.39 5.34 26.82
C ASN B 154 18.94 4.10 26.13
N GLY B 155 18.93 4.11 24.79
CA GLY B 155 19.48 3.03 24.01
C GLY B 155 18.56 2.56 22.90
N TYR B 156 18.47 1.25 22.71
CA TYR B 156 17.66 0.65 21.65
C TYR B 156 16.76 -0.41 22.27
N ILE B 157 15.45 -0.14 22.27
CA ILE B 157 14.46 -1.02 22.86
C ILE B 157 13.84 -1.87 21.75
N THR B 158 13.84 -3.18 21.94
CA THR B 158 13.29 -4.09 20.95
C THR B 158 11.78 -4.14 21.04
N ILE B 159 11.13 -4.15 19.87
CA ILE B 159 9.67 -4.22 19.77
C ILE B 159 9.32 -5.54 19.08
N PRO B 160 8.49 -6.38 19.69
CA PRO B 160 8.07 -7.60 18.99
C PRO B 160 6.90 -7.35 18.06
N THR B 161 6.83 -8.16 17.01
CA THR B 161 5.68 -8.10 16.10
C THR B 161 4.44 -8.58 16.82
N ARG B 162 3.36 -7.80 16.73
CA ARG B 162 2.13 -8.08 17.45
C ARG B 162 0.93 -7.80 16.55
N GLN B 163 -0.10 -8.63 16.68
CA GLN B 163 -1.38 -8.38 16.02
C GLN B 163 -2.20 -7.45 16.90
N LEU B 164 -2.41 -6.21 16.44
CA LEU B 164 -3.12 -5.23 17.24
C LEU B 164 -4.61 -5.54 17.33
N GLY B 165 -5.15 -6.30 16.39
CA GLY B 165 -6.57 -6.58 16.39
C GLY B 165 -7.00 -7.17 15.06
N THR B 166 -8.29 -7.01 14.76
CA THR B 166 -8.86 -7.61 13.57
C THR B 166 -10.00 -6.74 13.05
N ILE B 167 -10.14 -6.70 11.73
CA ILE B 167 -11.25 -6.02 11.08
C ILE B 167 -12.23 -7.07 10.58
N LEU B 168 -13.50 -6.90 10.95
CA LEU B 168 -14.56 -7.81 10.50
C LEU B 168 -15.32 -7.17 9.35
N LEU B 169 -15.47 -7.92 8.27
CA LEU B 169 -16.21 -7.46 7.11
C LEU B 169 -17.70 -7.75 7.32
N GLU B 170 -18.52 -6.71 7.30
CA GLU B 170 -19.97 -6.84 7.33
C GLU B 170 -20.54 -6.23 6.07
N ALA B 171 -21.69 -6.74 5.64
CA ALA B 171 -22.29 -6.31 4.38
C ALA B 171 -23.81 -6.36 4.49
N LYS B 172 -24.46 -5.60 3.61
CA LYS B 172 -25.92 -5.57 3.59
C LYS B 172 -26.49 -6.93 3.20
N ARG B 173 -25.96 -7.53 2.13
CA ARG B 173 -26.51 -8.79 1.65
C ARG B 173 -26.04 -9.93 2.53
N THR B 174 -26.98 -10.79 2.92
CA THR B 174 -26.72 -11.75 3.98
C THR B 174 -25.64 -12.75 3.59
N SER B 175 -25.63 -13.19 2.33
CA SER B 175 -24.67 -14.21 1.92
C SER B 175 -23.24 -13.79 2.22
N LEU B 176 -22.89 -12.55 1.91
CA LEU B 176 -21.53 -12.07 2.19
C LEU B 176 -21.34 -11.78 3.68
N ASN B 177 -22.35 -11.20 4.32
CA ASN B 177 -22.25 -10.94 5.76
C ASN B 177 -22.10 -12.23 6.55
N ASN B 178 -22.71 -13.31 6.08
CA ASN B 178 -22.66 -14.58 6.80
C ASN B 178 -21.26 -15.21 6.78
N LYS B 179 -20.42 -14.87 5.82
CA LYS B 179 -19.09 -15.46 5.76
C LYS B 179 -18.19 -14.94 6.88
N GLY B 180 -18.51 -13.79 7.47
CA GLY B 180 -17.73 -13.26 8.58
C GLY B 180 -16.25 -13.16 8.28
N LEU B 181 -15.89 -12.67 7.10
CA LEU B 181 -14.50 -12.53 6.74
C LEU B 181 -13.78 -11.55 7.66
N THR B 182 -12.57 -11.90 8.07
CA THR B 182 -11.76 -11.06 8.92
C THR B 182 -10.38 -10.88 8.29
N ALA B 183 -9.71 -9.78 8.66
CA ALA B 183 -8.37 -9.48 8.21
C ALA B 183 -7.55 -8.98 9.37
N PRO B 184 -6.26 -9.34 9.45
CA PRO B 184 -5.47 -8.97 10.62
C PRO B 184 -4.90 -7.56 10.54
N VAL B 185 -4.80 -6.93 11.71
CA VAL B 185 -4.18 -5.61 11.86
C VAL B 185 -2.91 -5.81 12.68
N MET B 186 -1.77 -5.40 12.13
CA MET B 186 -0.46 -5.82 12.62
C MET B 186 0.42 -4.62 12.96
N LEU B 187 1.27 -4.82 13.96
CA LEU B 187 2.39 -3.94 14.26
C LEU B 187 3.66 -4.72 13.95
N ASN B 188 4.39 -4.29 12.91
CA ASN B 188 5.63 -4.95 12.54
C ASN B 188 6.73 -4.54 13.51
N GLY B 189 7.47 -5.53 14.01
CA GLY B 189 8.46 -5.30 15.05
C GLY B 189 9.69 -4.58 14.53
N GLY B 190 10.60 -4.33 15.47
CA GLY B 190 11.85 -3.65 15.17
C GLY B 190 12.51 -3.10 16.41
N ARG B 191 13.17 -1.94 16.29
CA ARG B 191 13.80 -1.27 17.41
C ARG B 191 13.40 0.19 17.42
N ILE B 192 13.40 0.80 18.61
CA ILE B 192 13.21 2.23 18.76
C ILE B 192 14.38 2.80 19.55
N GLN B 193 14.74 4.04 19.24
CA GLN B 193 15.88 4.71 19.87
C GLN B 193 15.39 5.70 20.90
N VAL B 194 16.02 5.70 22.07
CA VAL B 194 15.67 6.60 23.17
C VAL B 194 16.95 7.30 23.61
N GLN B 195 16.88 8.63 23.72
CA GLN B 195 18.01 9.42 24.18
C GLN B 195 17.58 10.37 25.31
I IOD C . -1.86 10.32 -27.41
I IOD D . -13.55 -6.52 -28.35
I IOD E . -11.85 7.20 -19.95
I IOD F . -6.89 -13.12 -36.87
I IOD G . 11.46 -3.48 -22.82
I IOD H . -0.27 -2.50 4.57
#